data_5HZQ
#
_entry.id   5HZQ
#
_cell.length_a   37.029
_cell.length_b   89.732
_cell.length_c   92.463
_cell.angle_alpha   90.00
_cell.angle_beta   90.00
_cell.angle_gamma   90.00
#
_symmetry.space_group_name_H-M   'P 21 21 21'
#
loop_
_entity.id
_entity.type
_entity.pdbx_description
1 polymer 'Cellular retinoic acid-binding protein 2'
2 non-polymer "4'-[(3,6,9,12-tetraoxapentadec-14-yn-1-yl)oxy][1,1'-biphenyl]-4-yl sulfurofluoridate"
3 non-polymer GLYCEROL
4 water water
#
_entity_poly.entity_id   1
_entity_poly.type   'polypeptide(L)'
_entity_poly.pdbx_seq_one_letter_code
;GHMPNFSGNWKIIRSENFEELLKVLGVNVMLRKIAVAAASKPAVEIKQEGDTFYIKTSTTVRTTEINFKVGEEFEEQTVD
GRPCKSLVKWESENKMVCEQKLLKGEGPKTSWTRELTNDGELILTMTADDVVCTRVYVRE
;
_entity_poly.pdbx_strand_id   A,B
#
loop_
_chem_comp.id
_chem_comp.type
_chem_comp.name
_chem_comp.formula
GOL non-polymer GLYCEROL 'C3 H8 O3'
YWZ non-polymer '4'-[(3,6,9,12-tetraoxapentadec-14-yn-1-yl)oxy][1,1'-biphenyl]-4-yl sulfurofluoridate' 'C23 H27 F O8 S'
#
# COMPACT_ATOMS: atom_id res chain seq x y z
N HIS A 2 -20.48 -5.70 21.14
CA HIS A 2 -20.04 -4.58 20.25
C HIS A 2 -18.93 -5.01 19.32
N MET A 3 -18.87 -4.40 18.15
CA MET A 3 -17.78 -4.64 17.20
C MET A 3 -16.47 -4.21 17.87
N PRO A 4 -15.38 -4.93 17.61
CA PRO A 4 -14.09 -4.50 18.16
C PRO A 4 -13.63 -3.20 17.50
N ASN A 5 -12.78 -2.43 18.18
CA ASN A 5 -12.16 -1.25 17.57
C ASN A 5 -10.64 -1.44 17.55
N PHE A 6 -10.13 -1.77 16.37
CA PHE A 6 -8.72 -2.04 16.12
C PHE A 6 -7.87 -0.77 15.98
N SER A 7 -8.50 0.41 16.00
CA SER A 7 -7.82 1.65 15.71
C SER A 7 -6.69 1.88 16.70
N GLY A 8 -5.59 2.39 16.19
CA GLY A 8 -4.46 2.80 17.02
C GLY A 8 -3.12 2.54 16.38
N ASN A 9 -2.08 2.79 17.15
CA ASN A 9 -0.71 2.44 16.78
C ASN A 9 -0.26 1.25 17.59
N TRP A 10 0.25 0.22 16.91
CA TRP A 10 0.50 -1.06 17.54
C TRP A 10 1.99 -1.40 17.58
N LYS A 11 2.43 -1.94 18.72
CA LYS A 11 3.82 -2.29 18.96
C LYS A 11 3.96 -3.80 19.09
N ILE A 12 4.87 -4.38 18.34
CA ILE A 12 5.06 -5.83 18.38
C ILE A 12 5.67 -6.29 19.71
N ILE A 13 5.06 -7.32 20.30
CA ILE A 13 5.64 -7.96 21.49
C ILE A 13 6.00 -9.43 21.29
N ARG A 14 5.53 -10.05 20.21
CA ARG A 14 5.81 -11.45 20.04
C ARG A 14 5.66 -11.86 18.59
N SER A 15 6.55 -12.76 18.16
CA SER A 15 6.51 -13.29 16.82
C SER A 15 6.97 -14.74 16.84
N GLU A 16 6.33 -15.56 16.01
CA GLU A 16 6.73 -16.96 15.79
C GLU A 16 6.67 -17.28 14.29
N ASN A 17 7.71 -17.96 13.79
CA ASN A 17 7.72 -18.56 12.47
C ASN A 17 7.76 -17.61 11.26
N PHE A 18 8.14 -16.35 11.45
CA PHE A 18 8.17 -15.43 10.30
C PHE A 18 9.12 -15.88 9.23
N GLU A 19 10.40 -16.05 9.59
CA GLU A 19 11.38 -16.47 8.57
C GLU A 19 11.02 -17.84 8.00
N GLU A 20 10.52 -18.73 8.84
CA GLU A 20 10.12 -20.08 8.39
C GLU A 20 9.04 -20.03 7.30
N LEU A 21 8.05 -19.18 7.49
CA LEU A 21 7.02 -18.95 6.50
C LEU A 21 7.61 -18.49 5.16
N LEU A 22 8.51 -17.52 5.18
CA LEU A 22 9.17 -17.09 3.95
C LEU A 22 9.99 -18.21 3.31
N LYS A 23 10.65 -19.00 4.15
CA LYS A 23 11.51 -20.08 3.65
C LYS A 23 10.69 -21.13 2.91
N VAL A 24 9.56 -21.55 3.48
CA VAL A 24 8.73 -22.60 2.85
C VAL A 24 8.02 -22.08 1.62
N LEU A 25 7.96 -20.75 1.47
CA LEU A 25 7.40 -20.12 0.27
C LEU A 25 8.44 -19.95 -0.85
N GLY A 26 9.70 -20.30 -0.56
CA GLY A 26 10.76 -20.24 -1.54
C GLY A 26 11.54 -18.93 -1.56
N VAL A 27 11.40 -18.09 -0.55
CA VAL A 27 12.14 -16.82 -0.52
C VAL A 27 13.63 -17.10 -0.23
N ASN A 28 14.52 -16.61 -1.07
CA ASN A 28 15.94 -16.90 -0.88
C ASN A 28 16.48 -16.26 0.38
N VAL A 29 17.52 -16.87 0.92
CA VAL A 29 18.01 -16.50 2.25
C VAL A 29 18.45 -15.03 2.37
N MET A 30 19.00 -14.46 1.31
CA MET A 30 19.51 -13.07 1.40
C MET A 30 18.32 -12.11 1.53
N LEU A 31 17.24 -12.37 0.79
CA LEU A 31 15.99 -11.62 0.95
C LEU A 31 15.26 -11.89 2.26
N ARG A 32 15.35 -13.10 2.80
CA ARG A 32 14.73 -13.36 4.11
C ARG A 32 15.43 -12.57 5.18
N LYS A 33 16.75 -12.46 5.07
CA LYS A 33 17.53 -11.76 6.11
C LYS A 33 17.15 -10.29 6.15
N ILE A 34 17.01 -9.69 4.97
CA ILE A 34 16.49 -8.32 4.82
C ILE A 34 15.08 -8.20 5.39
N ALA A 35 14.18 -9.10 4.99
CA ALA A 35 12.81 -9.12 5.52
C ALA A 35 12.74 -9.22 7.04
N VAL A 36 13.54 -10.13 7.59
CA VAL A 36 13.54 -10.34 9.04
C VAL A 36 13.98 -9.08 9.78
N ALA A 37 15.05 -8.43 9.31
CA ALA A 37 15.47 -7.15 9.86
C ALA A 37 14.37 -6.10 9.76
N ALA A 38 13.75 -5.99 8.59
CA ALA A 38 12.63 -5.07 8.40
C ALA A 38 11.48 -5.33 9.37
N ALA A 39 11.20 -6.60 9.61
CA ALA A 39 10.03 -7.01 10.37
C ALA A 39 10.26 -7.01 11.90
N SER A 40 11.46 -6.70 12.36
CA SER A 40 11.72 -6.76 13.81
C SER A 40 10.98 -5.67 14.59
N LYS A 41 11.03 -4.44 14.08
CA LYS A 41 10.46 -3.24 14.74
C LYS A 41 9.61 -2.40 13.79
N PRO A 42 8.60 -3.00 13.16
CA PRO A 42 7.77 -2.26 12.22
C PRO A 42 6.84 -1.28 12.94
N ALA A 43 6.42 -0.23 12.25
CA ALA A 43 5.37 0.66 12.74
C ALA A 43 4.08 0.16 12.11
N VAL A 44 3.06 -0.02 12.93
CA VAL A 44 1.73 -0.43 12.47
C VAL A 44 0.68 0.56 12.97
N GLU A 45 -0.07 1.13 12.02
CA GLU A 45 -1.18 2.04 12.28
C GLU A 45 -2.44 1.41 11.70
N ILE A 46 -3.50 1.39 12.49
CA ILE A 46 -4.80 0.96 12.01
C ILE A 46 -5.81 2.07 12.26
N LYS A 47 -6.62 2.38 11.25
CA LYS A 47 -7.77 3.24 11.47
C LYS A 47 -9.00 2.46 11.02
N GLN A 48 -9.87 2.13 11.98
CA GLN A 48 -11.11 1.40 11.71
C GLN A 48 -12.33 2.30 11.91
N GLU A 49 -13.23 2.29 10.93
CA GLU A 49 -14.51 3.01 11.00
C GLU A 49 -15.56 2.00 10.59
N GLY A 50 -16.07 1.28 11.60
CA GLY A 50 -16.96 0.14 11.42
C GLY A 50 -16.36 -0.98 10.59
N ASP A 51 -16.94 -1.27 9.43
CA ASP A 51 -16.41 -2.30 8.55
C ASP A 51 -15.33 -1.77 7.60
N THR A 52 -14.97 -0.48 7.68
CA THR A 52 -13.92 0.07 6.80
C THR A 52 -12.58 0.17 7.56
N PHE A 53 -11.55 -0.37 6.94
CA PHE A 53 -10.20 -0.41 7.53
C PHE A 53 -9.16 0.23 6.63
N TYR A 54 -8.20 0.89 7.29
CA TYR A 54 -6.91 1.27 6.72
C TYR A 54 -5.84 0.73 7.65
N ILE A 55 -4.86 0.04 7.06
CA ILE A 55 -3.74 -0.49 7.84
C ILE A 55 -2.44 -0.10 7.16
N LYS A 56 -1.58 0.61 7.89
CA LYS A 56 -0.28 1.02 7.36
C LYS A 56 0.78 0.30 8.16
N THR A 57 1.67 -0.41 7.47
CA THR A 57 2.75 -1.14 8.10
C THR A 57 4.01 -0.57 7.46
N SER A 58 4.89 0.00 8.28
CA SER A 58 6.05 0.73 7.79
C SER A 58 7.33 0.14 8.37
N THR A 59 8.27 -0.19 7.49
CA THR A 59 9.56 -0.75 7.89
C THR A 59 10.60 0.13 7.22
N THR A 60 11.87 -0.17 7.44
CA THR A 60 12.94 0.64 6.86
C THR A 60 12.83 0.64 5.33
N VAL A 61 12.53 -0.54 4.78
CA VAL A 61 12.60 -0.72 3.34
C VAL A 61 11.24 -0.62 2.65
N ARG A 62 10.15 -0.66 3.40
CA ARG A 62 8.82 -0.90 2.83
C ARG A 62 7.70 -0.21 3.59
N THR A 63 6.78 0.41 2.87
CA THR A 63 5.51 0.87 3.43
C THR A 63 4.37 0.23 2.65
N THR A 64 3.44 -0.39 3.37
CA THR A 64 2.28 -1.02 2.78
CA THR A 64 2.28 -1.01 2.76
C THR A 64 1.05 -0.37 3.41
N GLU A 65 0.15 0.15 2.57
CA GLU A 65 -1.08 0.76 3.04
C GLU A 65 -2.20 -0.03 2.40
N ILE A 66 -3.00 -0.68 3.23
CA ILE A 66 -4.15 -1.45 2.74
C ILE A 66 -5.41 -0.71 3.13
N ASN A 67 -6.34 -0.65 2.17
CA ASN A 67 -7.67 -0.12 2.37
C ASN A 67 -8.70 -1.18 2.00
N PHE A 68 -9.53 -1.56 2.96
CA PHE A 68 -10.59 -2.52 2.65
C PHE A 68 -11.87 -2.28 3.44
N LYS A 69 -12.96 -2.79 2.90
CA LYS A 69 -14.21 -2.91 3.64
CA LYS A 69 -14.21 -2.90 3.64
C LYS A 69 -14.52 -4.39 3.78
N VAL A 70 -14.90 -4.81 4.98
CA VAL A 70 -15.23 -6.21 5.22
C VAL A 70 -16.36 -6.55 4.25
N GLY A 71 -16.21 -7.69 3.58
CA GLY A 71 -17.19 -8.16 2.59
C GLY A 71 -17.07 -7.68 1.16
N GLU A 72 -16.08 -6.84 0.85
CA GLU A 72 -15.88 -6.31 -0.49
C GLU A 72 -14.50 -6.70 -0.99
N GLU A 73 -14.40 -7.23 -2.21
CA GLU A 73 -13.09 -7.71 -2.71
C GLU A 73 -12.15 -6.56 -2.92
N PHE A 74 -10.87 -6.78 -2.63
CA PHE A 74 -9.81 -5.80 -2.92
C PHE A 74 -8.56 -6.50 -3.40
N GLU A 75 -7.57 -5.72 -3.82
CA GLU A 75 -6.33 -6.25 -4.32
C GLU A 75 -5.23 -5.99 -3.32
N GLU A 76 -4.35 -6.97 -3.15
CA GLU A 76 -3.13 -6.76 -2.38
C GLU A 76 -2.05 -7.71 -2.91
N GLN A 77 -1.01 -7.96 -2.13
CA GLN A 77 -0.05 -9.01 -2.49
C GLN A 77 0.05 -10.00 -1.36
N THR A 78 0.37 -11.25 -1.70
CA THR A 78 0.67 -12.25 -0.69
C THR A 78 1.94 -11.85 0.06
N VAL A 79 2.21 -12.51 1.17
CA VAL A 79 3.35 -12.18 2.02
C VAL A 79 4.68 -12.24 1.25
N ASP A 80 4.75 -13.12 0.26
CA ASP A 80 5.95 -13.24 -0.57
C ASP A 80 5.90 -12.41 -1.87
N GLY A 81 4.89 -11.55 -2.01
CA GLY A 81 4.83 -10.58 -3.13
C GLY A 81 4.14 -10.95 -4.44
N ARG A 82 3.20 -11.88 -4.38
CA ARG A 82 2.44 -12.24 -5.56
C ARG A 82 1.09 -11.53 -5.47
N PRO A 83 0.67 -10.89 -6.58
CA PRO A 83 -0.59 -10.15 -6.59
C PRO A 83 -1.79 -11.06 -6.40
N CYS A 84 -2.72 -10.63 -5.55
CA CYS A 84 -3.89 -11.43 -5.25
C CYS A 84 -5.15 -10.59 -5.07
N LYS A 85 -6.30 -11.24 -5.22
CA LYS A 85 -7.57 -10.65 -4.83
C LYS A 85 -7.90 -11.20 -3.45
N SER A 86 -8.29 -10.29 -2.56
CA SER A 86 -8.57 -10.63 -1.18
C SER A 86 -9.99 -10.29 -0.80
N LEU A 87 -10.48 -11.00 0.21
CA LEU A 87 -11.80 -10.77 0.74
C LEU A 87 -11.79 -11.06 2.23
N VAL A 88 -12.16 -10.07 3.03
CA VAL A 88 -12.16 -10.19 4.48
C VAL A 88 -13.60 -10.42 4.95
N LYS A 89 -13.78 -11.38 5.86
CA LYS A 89 -15.04 -11.57 6.59
C LYS A 89 -14.80 -11.67 8.08
N TRP A 90 -15.81 -11.32 8.87
CA TRP A 90 -15.75 -11.60 10.29
C TRP A 90 -15.95 -13.08 10.54
N GLU A 91 -15.03 -13.67 11.31
CA GLU A 91 -15.15 -15.07 11.73
C GLU A 91 -15.85 -15.13 13.08
N SER A 92 -15.56 -14.14 13.92
CA SER A 92 -16.13 -14.02 15.25
C SER A 92 -16.32 -12.56 15.52
N GLU A 93 -16.85 -12.23 16.69
CA GLU A 93 -17.04 -10.84 17.06
C GLU A 93 -15.69 -10.11 17.09
N ASN A 94 -14.60 -10.84 17.31
CA ASN A 94 -13.30 -10.21 17.58
C ASN A 94 -12.21 -10.55 16.58
N LYS A 95 -12.54 -11.34 15.57
CA LYS A 95 -11.55 -11.82 14.62
C LYS A 95 -12.05 -11.79 13.19
N MET A 96 -11.22 -11.25 12.30
CA MET A 96 -11.46 -11.26 10.87
C MET A 96 -10.51 -12.20 10.14
N VAL A 97 -10.97 -12.77 9.03
CA VAL A 97 -10.15 -13.70 8.25
C VAL A 97 -10.17 -13.26 6.79
N CYS A 98 -9.00 -13.29 6.16
CA CYS A 98 -8.88 -12.85 4.79
C CYS A 98 -8.46 -14.02 3.92
N GLU A 99 -9.29 -14.37 2.94
CA GLU A 99 -8.94 -15.38 1.95
C GLU A 99 -8.36 -14.68 0.71
N GLN A 100 -7.29 -15.26 0.17
CA GLN A 100 -6.57 -14.68 -0.96
C GLN A 100 -6.63 -15.63 -2.14
N LYS A 101 -6.87 -15.07 -3.32
CA LYS A 101 -6.79 -15.81 -4.56
C LYS A 101 -5.79 -15.13 -5.50
N LEU A 102 -4.82 -15.88 -6.03
CA LEU A 102 -3.83 -15.30 -6.95
C LEU A 102 -4.50 -14.71 -8.21
N LEU A 103 -4.03 -13.55 -8.67
CA LEU A 103 -4.53 -12.98 -9.93
C LEU A 103 -4.22 -13.87 -11.14
N LYS A 104 -3.02 -14.45 -11.12
CA LYS A 104 -2.53 -15.28 -12.22
C LYS A 104 -1.82 -16.52 -11.69
N GLY A 105 -2.22 -17.67 -12.22
CA GLY A 105 -1.52 -18.92 -11.95
C GLY A 105 -1.88 -19.55 -10.61
N GLU A 106 -1.03 -20.47 -10.17
CA GLU A 106 -1.34 -21.33 -9.04
C GLU A 106 -0.28 -21.14 -7.97
N GLY A 107 -0.58 -21.58 -6.76
CA GLY A 107 0.34 -21.46 -5.63
C GLY A 107 -0.27 -22.05 -4.38
N PRO A 108 0.47 -21.96 -3.26
CA PRO A 108 -0.08 -22.44 -1.99
C PRO A 108 -1.31 -21.60 -1.60
N LYS A 109 -2.17 -22.17 -0.78
CA LYS A 109 -3.32 -21.45 -0.27
C LYS A 109 -2.81 -20.47 0.79
N THR A 110 -3.03 -19.18 0.58
CA THR A 110 -2.55 -18.18 1.54
C THR A 110 -3.70 -17.41 2.15
N SER A 111 -3.47 -16.90 3.36
CA SER A 111 -4.51 -16.21 4.10
C SER A 111 -3.88 -15.45 5.26
N TRP A 112 -4.67 -14.58 5.84
CA TRP A 112 -4.29 -13.95 7.08
C TRP A 112 -5.49 -13.72 7.99
N THR A 113 -5.22 -13.55 9.27
CA THR A 113 -6.25 -13.23 10.24
C THR A 113 -5.76 -12.14 11.16
N ARG A 114 -6.70 -11.34 11.65
CA ARG A 114 -6.43 -10.35 12.67
C ARG A 114 -7.54 -10.40 13.72
N GLU A 115 -7.12 -10.47 14.98
CA GLU A 115 -8.01 -10.61 16.14
C GLU A 115 -7.63 -9.59 17.20
N LEU A 116 -8.63 -9.06 17.89
CA LEU A 116 -8.37 -8.13 18.98
C LEU A 116 -8.88 -8.81 20.22
N THR A 117 -7.97 -9.20 21.12
CA THR A 117 -8.36 -9.96 22.31
C THR A 117 -9.08 -9.07 23.31
N ASN A 118 -9.77 -9.69 24.26
CA ASN A 118 -10.43 -8.91 25.31
C ASN A 118 -9.43 -8.14 26.17
N ASP A 119 -8.20 -8.67 26.26
CA ASP A 119 -7.10 -8.05 26.99
C ASP A 119 -6.42 -6.93 26.21
N GLY A 120 -6.87 -6.67 24.99
CA GLY A 120 -6.37 -5.55 24.20
C GLY A 120 -5.17 -5.89 23.33
N GLU A 121 -4.91 -7.18 23.11
CA GLU A 121 -3.80 -7.58 22.23
C GLU A 121 -4.32 -7.80 20.81
N LEU A 122 -3.55 -7.37 19.83
CA LEU A 122 -3.83 -7.60 18.43
C LEU A 122 -2.99 -8.80 18.00
N ILE A 123 -3.66 -9.80 17.45
CA ILE A 123 -3.01 -11.02 16.97
C ILE A 123 -3.17 -11.12 15.46
N LEU A 124 -2.06 -11.13 14.76
CA LEU A 124 -2.02 -11.35 13.33
C LEU A 124 -1.49 -12.76 13.08
N THR A 125 -2.15 -13.52 12.22
CA THR A 125 -1.56 -14.73 11.67
C THR A 125 -1.52 -14.64 10.16
N MET A 126 -0.49 -15.26 9.58
CA MET A 126 -0.30 -15.37 8.14
C MET A 126 0.04 -16.83 7.88
N THR A 127 -0.68 -17.42 6.92
CA THR A 127 -0.65 -18.85 6.68
C THR A 127 -0.35 -19.15 5.21
N ALA A 128 0.51 -20.13 4.95
CA ALA A 128 0.68 -20.71 3.63
C ALA A 128 0.53 -22.20 3.86
N ASP A 129 -0.55 -22.76 3.31
CA ASP A 129 -0.95 -24.13 3.54
C ASP A 129 -1.02 -24.46 5.04
N ASP A 130 -0.04 -25.22 5.55
CA ASP A 130 -0.09 -25.64 6.95
C ASP A 130 0.91 -24.88 7.83
N VAL A 131 1.59 -23.90 7.26
CA VAL A 131 2.60 -23.17 8.02
C VAL A 131 2.05 -21.80 8.41
N VAL A 132 2.16 -21.47 9.70
CA VAL A 132 1.52 -20.28 10.26
C VAL A 132 2.52 -19.41 11.02
N CYS A 133 2.60 -18.15 10.63
CA CYS A 133 3.32 -17.13 11.38
C CYS A 133 2.34 -16.36 12.26
N THR A 134 2.66 -16.22 13.55
CA THR A 134 1.81 -15.49 14.50
C THR A 134 2.60 -14.30 15.05
N ARG A 135 1.96 -13.14 15.06
CA ARG A 135 2.56 -11.93 15.61
C ARG A 135 1.57 -11.29 16.57
N VAL A 136 2.07 -10.86 17.72
CA VAL A 136 1.22 -10.26 18.76
C VAL A 136 1.68 -8.81 18.99
N TYR A 137 0.71 -7.91 19.05
N TYR A 137 0.71 -7.90 19.06
CA TYR A 137 0.92 -6.48 19.27
CA TYR A 137 0.96 -6.46 19.28
C TYR A 137 0.06 -5.88 20.43
C TYR A 137 0.10 -5.88 20.45
N VAL A 138 0.54 -4.74 21.01
CA VAL A 138 -0.18 -4.05 22.15
C VAL A 138 -0.27 -2.61 21.63
N ARG A 139 -1.27 -1.87 22.09
CA ARG A 139 -1.50 -0.53 21.58
C ARG A 139 -0.54 0.40 22.28
N GLU A 140 0.05 1.31 21.52
CA GLU A 140 0.86 2.39 22.05
C GLU A 140 -0.01 3.48 22.70
N ASN B 5 -7.07 -0.39 -20.07
CA ASN B 5 -6.75 -0.93 -18.72
C ASN B 5 -5.33 -0.54 -18.22
N PHE B 6 -5.25 -0.12 -16.97
CA PHE B 6 -4.01 0.42 -16.40
C PHE B 6 -3.01 -0.65 -15.95
N SER B 7 -3.42 -1.92 -15.92
CA SER B 7 -2.55 -2.98 -15.44
C SER B 7 -1.28 -3.01 -16.24
N GLY B 8 -0.17 -3.30 -15.57
CA GLY B 8 1.12 -3.29 -16.22
C GLY B 8 2.31 -2.94 -15.36
N ASN B 9 3.48 -3.19 -15.92
CA ASN B 9 4.72 -2.73 -15.39
C ASN B 9 5.07 -1.52 -16.24
N TRP B 10 5.40 -0.42 -15.58
CA TRP B 10 5.53 0.87 -16.24
C TRP B 10 6.91 1.48 -15.95
N LYS B 11 7.54 2.00 -17.01
CA LYS B 11 8.90 2.54 -17.00
C LYS B 11 8.85 4.04 -17.26
N ILE B 12 9.39 4.84 -16.35
CA ILE B 12 9.41 6.31 -16.54
C ILE B 12 10.29 6.73 -17.72
N ILE B 13 9.74 7.55 -18.63
CA ILE B 13 10.53 8.13 -19.75
C ILE B 13 10.68 9.66 -19.71
N ARG B 14 9.77 10.37 -19.05
CA ARG B 14 9.77 11.83 -18.99
CA ARG B 14 9.84 11.83 -18.95
C ARG B 14 9.27 12.32 -17.62
N SER B 15 9.86 13.38 -17.09
CA SER B 15 9.46 13.94 -15.81
C SER B 15 9.60 15.47 -15.83
N GLU B 16 8.57 16.18 -15.44
CA GLU B 16 8.61 17.63 -15.33
C GLU B 16 8.21 18.07 -13.92
N ASN B 17 9.06 18.89 -13.32
CA ASN B 17 8.78 19.57 -12.05
C ASN B 17 8.60 18.69 -10.83
N PHE B 18 9.24 17.53 -10.81
CA PHE B 18 9.23 16.71 -9.62
C PHE B 18 9.92 17.38 -8.44
N GLU B 19 11.15 17.83 -8.63
CA GLU B 19 11.81 18.55 -7.53
C GLU B 19 11.07 19.82 -7.11
N GLU B 20 10.55 20.58 -8.07
CA GLU B 20 9.78 21.79 -7.75
C GLU B 20 8.51 21.48 -6.92
N LEU B 21 7.84 20.38 -7.24
CA LEU B 21 6.71 19.89 -6.46
C LEU B 21 7.14 19.61 -5.00
N LEU B 22 8.24 18.89 -4.82
CA LEU B 22 8.67 18.56 -3.47
C LEU B 22 9.06 19.83 -2.70
N LYS B 23 9.64 20.80 -3.42
CA LYS B 23 10.03 22.07 -2.79
C LYS B 23 8.82 22.85 -2.28
N VAL B 24 7.78 22.96 -3.07
CA VAL B 24 6.58 23.69 -2.62
C VAL B 24 5.88 22.99 -1.47
N LEU B 25 6.03 21.66 -1.38
CA LEU B 25 5.52 20.86 -0.27
C LEU B 25 6.38 20.93 1.00
N GLY B 26 7.50 21.66 0.93
CA GLY B 26 8.36 21.88 2.10
C GLY B 26 9.35 20.77 2.34
N VAL B 27 9.62 19.94 1.33
CA VAL B 27 10.58 18.86 1.53
C VAL B 27 12.00 19.45 1.54
N ASN B 28 12.75 19.11 2.57
CA ASN B 28 14.11 19.66 2.73
C ASN B 28 14.97 19.31 1.51
N VAL B 29 15.84 20.24 1.11
CA VAL B 29 16.71 20.09 -0.05
C VAL B 29 17.48 18.76 -0.10
N MET B 30 18.00 18.29 1.02
CA MET B 30 18.79 17.05 0.97
C MET B 30 17.89 15.84 0.70
N LEU B 31 16.67 15.87 1.26
CA LEU B 31 15.67 14.83 0.96
C LEU B 31 15.20 14.92 -0.49
N ARG B 32 15.15 16.14 -1.06
CA ARG B 32 14.77 16.31 -2.47
C ARG B 32 15.80 15.66 -3.37
N LYS B 33 17.09 15.90 -3.11
CA LYS B 33 18.12 15.29 -3.96
C LYS B 33 18.11 13.76 -3.85
N ILE B 34 17.85 13.24 -2.65
CA ILE B 34 17.64 11.79 -2.46
C ILE B 34 16.39 11.30 -3.23
N ALA B 35 15.29 12.02 -3.11
CA ALA B 35 14.06 11.70 -3.84
C ALA B 35 14.24 11.71 -5.34
N VAL B 36 14.94 12.73 -5.85
CA VAL B 36 15.12 12.87 -7.28
C VAL B 36 15.87 11.68 -7.82
N ALA B 37 16.94 11.26 -7.14
CA ALA B 37 17.69 10.06 -7.53
C ALA B 37 16.80 8.81 -7.43
N ALA B 38 16.01 8.70 -6.37
CA ALA B 38 15.08 7.58 -6.20
C ALA B 38 14.03 7.51 -7.31
N ALA B 39 13.57 8.66 -7.79
CA ALA B 39 12.55 8.75 -8.85
C ALA B 39 13.08 8.71 -10.29
N SER B 40 14.39 8.55 -10.47
CA SER B 40 14.97 8.48 -11.81
C SER B 40 14.68 7.15 -12.52
N LYS B 41 14.82 6.02 -11.81
CA LYS B 41 14.61 4.70 -12.39
C LYS B 41 13.78 3.75 -11.50
N PRO B 42 12.64 4.22 -10.99
CA PRO B 42 11.79 3.36 -10.18
C PRO B 42 11.09 2.29 -11.03
N ALA B 43 10.54 1.29 -10.37
CA ALA B 43 9.67 0.32 -11.01
C ALA B 43 8.27 0.63 -10.47
N VAL B 44 7.27 0.65 -11.35
CA VAL B 44 5.88 0.84 -10.98
C VAL B 44 5.06 -0.28 -11.58
N GLU B 45 4.38 -1.02 -10.71
CA GLU B 45 3.50 -2.09 -11.12
C GLU B 45 2.10 -1.72 -10.70
N ILE B 46 1.17 -1.77 -11.66
CA ILE B 46 -0.23 -1.53 -11.42
C ILE B 46 -1.04 -2.78 -11.74
N LYS B 47 -1.98 -3.13 -10.87
CA LYS B 47 -2.93 -4.18 -11.18
C LYS B 47 -4.32 -3.58 -11.02
N GLN B 48 -5.10 -3.63 -12.10
CA GLN B 48 -6.44 -3.13 -12.10
C GLN B 48 -7.38 -4.30 -12.36
N GLU B 49 -8.40 -4.45 -11.52
CA GLU B 49 -9.52 -5.37 -11.75
C GLU B 49 -10.80 -4.55 -11.62
N GLY B 50 -11.41 -4.23 -12.75
CA GLY B 50 -12.48 -3.25 -12.79
C GLY B 50 -12.08 -1.93 -12.16
N ASP B 51 -12.78 -1.54 -11.11
CA ASP B 51 -12.53 -0.29 -10.43
C ASP B 51 -11.51 -0.45 -9.29
N THR B 52 -11.05 -1.67 -9.03
CA THR B 52 -10.11 -1.90 -7.93
C THR B 52 -8.67 -1.86 -8.45
N PHE B 53 -7.81 -1.23 -7.67
CA PHE B 53 -6.43 -1.00 -8.07
C PHE B 53 -5.46 -1.37 -6.98
N TYR B 54 -4.29 -1.80 -7.39
CA TYR B 54 -3.15 -1.96 -6.52
C TYR B 54 -1.97 -1.33 -7.25
N ILE B 55 -1.22 -0.50 -6.55
CA ILE B 55 -0.06 0.16 -7.12
C ILE B 55 1.15 -0.03 -6.23
N LYS B 56 2.20 -0.59 -6.80
CA LYS B 56 3.47 -0.77 -6.11
C LYS B 56 4.55 0.02 -6.83
N THR B 57 5.22 0.87 -6.06
CA THR B 57 6.31 1.71 -6.55
C THR B 57 7.58 1.26 -5.82
N SER B 58 8.62 0.89 -6.57
CA SER B 58 9.81 0.29 -6.00
C SER B 58 11.00 1.16 -6.39
N THR B 59 11.74 1.70 -5.41
CA THR B 59 12.90 2.55 -5.70
C THR B 59 14.11 1.95 -5.06
N THR B 60 15.25 2.59 -5.29
CA THR B 60 16.49 2.21 -4.63
C THR B 60 16.35 2.31 -3.12
N VAL B 61 15.75 3.40 -2.63
CA VAL B 61 15.61 3.63 -1.19
C VAL B 61 14.53 2.75 -0.52
N ARG B 62 13.37 2.62 -1.17
CA ARG B 62 12.28 1.86 -0.55
C ARG B 62 11.19 1.48 -1.54
N THR B 63 10.33 0.55 -1.10
CA THR B 63 9.18 0.07 -1.85
C THR B 63 7.91 0.45 -1.08
N THR B 64 6.92 0.94 -1.81
CA THR B 64 5.64 1.31 -1.19
C THR B 64 4.48 0.75 -2.01
N GLU B 65 3.39 0.44 -1.33
CA GLU B 65 2.22 -0.16 -2.00
C GLU B 65 0.96 0.45 -1.42
N ILE B 66 -0.04 0.58 -2.28
CA ILE B 66 -1.34 1.16 -1.91
C ILE B 66 -2.37 0.38 -2.71
N ASN B 67 -3.54 0.19 -2.14
CA ASN B 67 -4.69 -0.28 -2.92
C ASN B 67 -5.88 0.62 -2.67
N PHE B 68 -6.77 0.70 -3.65
CA PHE B 68 -7.99 1.49 -3.53
C PHE B 68 -9.00 1.05 -4.57
N LYS B 69 -10.20 1.61 -4.48
CA LYS B 69 -11.28 1.38 -5.45
C LYS B 69 -11.83 2.73 -5.86
N VAL B 70 -12.00 2.91 -7.17
CA VAL B 70 -12.54 4.17 -7.68
C VAL B 70 -13.94 4.34 -7.10
N GLY B 71 -14.24 5.55 -6.61
CA GLY B 71 -15.56 5.85 -6.06
C GLY B 71 -15.73 5.63 -4.55
N GLU B 72 -14.72 5.06 -3.90
CA GLU B 72 -14.75 4.86 -2.45
C GLU B 72 -13.60 5.56 -1.74
N GLU B 73 -13.91 6.34 -0.71
CA GLU B 73 -12.88 7.09 0.02
C GLU B 73 -11.90 6.10 0.64
N PHE B 74 -10.63 6.48 0.63
CA PHE B 74 -9.57 5.68 1.23
C PHE B 74 -8.56 6.62 1.84
N GLU B 75 -7.58 6.04 2.52
CA GLU B 75 -6.48 6.81 3.07
C GLU B 75 -5.16 6.43 2.38
N GLU B 76 -4.33 7.45 2.12
CA GLU B 76 -2.99 7.25 1.55
C GLU B 76 -2.11 8.34 2.13
N GLN B 77 -0.88 8.44 1.62
CA GLN B 77 0.02 9.55 1.92
C GLN B 77 0.16 10.45 0.72
N THR B 78 0.36 11.73 1.00
CA THR B 78 0.69 12.68 -0.04
C THR B 78 2.07 12.32 -0.54
N VAL B 79 2.47 12.89 -1.66
CA VAL B 79 3.73 12.54 -2.25
C VAL B 79 4.89 12.87 -1.29
N ASP B 80 4.70 13.86 -0.43
CA ASP B 80 5.73 14.18 0.58
C ASP B 80 5.58 13.42 1.91
N GLY B 81 4.66 12.46 1.97
CA GLY B 81 4.54 11.57 3.10
C GLY B 81 3.62 12.03 4.22
N ARG B 82 2.59 12.83 3.91
CA ARG B 82 1.66 13.25 4.94
C ARG B 82 0.35 12.51 4.76
N PRO B 83 -0.26 12.07 5.87
CA PRO B 83 -1.52 11.30 5.74
C PRO B 83 -2.64 12.14 5.17
N CYS B 84 -3.44 11.53 4.30
CA CYS B 84 -4.56 12.22 3.68
C CYS B 84 -5.70 11.26 3.39
N LYS B 85 -6.91 11.81 3.26
CA LYS B 85 -8.05 11.08 2.75
C LYS B 85 -8.20 11.37 1.27
N SER B 86 -8.44 10.32 0.49
CA SER B 86 -8.46 10.41 -0.94
C SER B 86 -9.75 9.86 -1.53
N LEU B 87 -10.12 10.40 -2.67
CA LEU B 87 -11.26 9.90 -3.42
C LEU B 87 -10.97 10.00 -4.92
N VAL B 88 -11.00 8.85 -5.59
CA VAL B 88 -10.71 8.77 -7.01
C VAL B 88 -12.02 8.65 -7.79
N LYS B 89 -12.10 9.39 -8.89
CA LYS B 89 -13.24 9.35 -9.82
C LYS B 89 -12.75 9.25 -11.24
N TRP B 90 -13.51 8.58 -12.09
CA TRP B 90 -13.22 8.52 -13.51
C TRP B 90 -13.66 9.84 -14.11
N GLU B 91 -12.72 10.58 -14.70
CA GLU B 91 -13.02 11.82 -15.39
C GLU B 91 -13.37 11.51 -16.83
N SER B 92 -12.77 10.45 -17.36
CA SER B 92 -13.14 9.87 -18.63
C SER B 92 -12.84 8.38 -18.54
N GLU B 93 -13.00 7.65 -19.64
CA GLU B 93 -12.86 6.19 -19.62
C GLU B 93 -11.42 5.76 -19.32
N ASN B 94 -10.47 6.61 -19.71
CA ASN B 94 -9.06 6.35 -19.52
C ASN B 94 -8.35 7.36 -18.61
N LYS B 95 -9.10 8.11 -17.80
CA LYS B 95 -8.50 9.10 -16.92
C LYS B 95 -9.20 9.11 -15.55
N MET B 96 -8.41 8.90 -14.51
CA MET B 96 -8.90 8.98 -13.14
C MET B 96 -8.26 10.18 -12.44
N VAL B 97 -9.04 10.80 -11.57
CA VAL B 97 -8.62 12.02 -10.90
C VAL B 97 -8.86 11.84 -9.39
N CYS B 98 -7.86 12.19 -8.59
CA CYS B 98 -7.95 12.00 -7.16
C CYS B 98 -7.80 13.31 -6.40
N GLU B 99 -8.81 13.64 -5.60
CA GLU B 99 -8.78 14.76 -4.67
C GLU B 99 -8.28 14.26 -3.31
N GLN B 100 -7.34 15.00 -2.72
CA GLN B 100 -6.77 14.63 -1.41
C GLN B 100 -7.11 15.68 -0.35
N LYS B 101 -7.36 15.22 0.87
CA LYS B 101 -7.62 16.11 2.01
C LYS B 101 -6.69 15.74 3.15
N LEU B 102 -5.84 16.68 3.56
CA LEU B 102 -4.88 16.43 4.63
C LEU B 102 -5.61 16.05 5.90
N LEU B 103 -5.13 15.02 6.58
CA LEU B 103 -5.72 14.62 7.87
C LEU B 103 -5.31 15.50 9.05
N LYS B 104 -4.11 16.05 9.01
CA LYS B 104 -3.63 16.91 10.09
C LYS B 104 -2.96 18.16 9.51
N GLY B 105 -3.18 19.29 10.17
CA GLY B 105 -2.53 20.54 9.77
C GLY B 105 -3.02 21.12 8.46
N GLU B 106 -2.32 22.14 7.99
CA GLU B 106 -2.63 22.77 6.72
C GLU B 106 -1.45 22.57 5.79
N GLY B 107 -1.69 22.72 4.51
CA GLY B 107 -0.65 22.61 3.52
C GLY B 107 -1.20 22.90 2.16
N PRO B 108 -0.36 22.81 1.12
CA PRO B 108 -0.84 23.05 -0.24
C PRO B 108 -1.95 22.08 -0.61
N LYS B 109 -2.85 22.53 -1.48
CA LYS B 109 -3.87 21.63 -2.00
C LYS B 109 -3.21 20.62 -2.93
N THR B 110 -3.35 19.33 -2.63
CA THR B 110 -2.76 18.29 -3.48
C THR B 110 -3.80 17.45 -4.16
N SER B 111 -3.40 16.94 -5.32
CA SER B 111 -4.21 16.09 -6.14
C SER B 111 -3.29 15.27 -7.04
N TRP B 112 -3.83 14.22 -7.65
CA TRP B 112 -3.11 13.54 -8.68
C TRP B 112 -4.07 13.03 -9.74
N THR B 113 -3.53 12.75 -10.90
CA THR B 113 -4.31 12.17 -12.00
C THR B 113 -3.49 11.06 -12.65
N ARG B 114 -4.18 10.04 -13.15
CA ARG B 114 -3.54 9.02 -13.95
C ARG B 114 -4.39 8.78 -15.19
N GLU B 115 -3.73 8.85 -16.34
CA GLU B 115 -4.42 8.73 -17.61
C GLU B 115 -3.66 7.82 -18.54
N LEU B 116 -4.42 7.04 -19.31
CA LEU B 116 -3.88 6.16 -20.34
C LEU B 116 -4.14 6.85 -21.68
N THR B 117 -3.09 7.12 -22.46
CA THR B 117 -3.22 7.81 -23.75
C THR B 117 -3.50 6.84 -24.88
N ASN B 118 -3.69 7.37 -26.08
CA ASN B 118 -3.86 6.54 -27.27
C ASN B 118 -2.52 6.02 -27.84
N ASP B 119 -1.40 6.55 -27.35
CA ASP B 119 -0.06 6.03 -27.68
C ASP B 119 0.40 4.91 -26.72
N GLY B 120 -0.46 4.51 -25.79
CA GLY B 120 -0.07 3.49 -24.80
C GLY B 120 0.83 4.05 -23.70
N GLU B 121 0.74 5.34 -23.46
CA GLU B 121 1.52 5.97 -22.39
C GLU B 121 0.64 6.13 -21.15
N LEU B 122 1.25 6.01 -19.99
CA LEU B 122 0.59 6.33 -18.73
C LEU B 122 1.17 7.67 -18.30
N ILE B 123 0.30 8.63 -18.03
CA ILE B 123 0.72 9.95 -17.54
C ILE B 123 0.26 10.15 -16.09
N LEU B 124 1.20 10.33 -15.18
CA LEU B 124 0.86 10.70 -13.81
C LEU B 124 1.09 12.20 -13.65
N THR B 125 0.10 12.90 -13.11
CA THR B 125 0.24 14.28 -12.77
C THR B 125 -0.01 14.37 -11.28
N MET B 126 0.81 15.18 -10.63
CA MET B 126 0.69 15.45 -9.22
C MET B 126 0.75 16.96 -9.11
N THR B 127 -0.18 17.55 -8.36
CA THR B 127 -0.23 18.98 -8.18
C THR B 127 -0.09 19.34 -6.70
N ALA B 128 0.60 20.45 -6.45
CA ALA B 128 0.61 21.08 -5.14
C ALA B 128 0.38 22.57 -5.36
N ASP B 129 -0.77 23.07 -4.90
CA ASP B 129 -1.28 24.38 -5.28
C ASP B 129 -1.22 24.54 -6.80
N ASP B 130 -0.39 25.46 -7.31
CA ASP B 130 -0.33 25.71 -8.74
C ASP B 130 0.84 25.00 -9.43
N VAL B 131 1.69 24.30 -8.67
CA VAL B 131 2.80 23.57 -9.27
C VAL B 131 2.29 22.24 -9.77
N VAL B 132 2.57 21.94 -11.04
CA VAL B 132 2.13 20.67 -11.64
C VAL B 132 3.36 19.88 -12.06
N CYS B 133 3.49 18.69 -11.48
CA CYS B 133 4.47 17.68 -11.85
C CYS B 133 3.84 16.67 -12.80
N THR B 134 4.54 16.37 -13.90
CA THR B 134 4.06 15.43 -14.90
C THR B 134 5.08 14.34 -15.08
N ARG B 135 4.65 13.09 -14.94
CA ARG B 135 5.53 11.95 -15.13
C ARG B 135 4.87 11.06 -16.19
N VAL B 136 5.63 10.73 -17.22
CA VAL B 136 5.15 9.95 -18.36
C VAL B 136 5.84 8.59 -18.34
N TYR B 137 5.04 7.54 -18.47
N TYR B 137 5.04 7.52 -18.46
CA TYR B 137 5.52 6.17 -18.48
CA TYR B 137 5.56 6.16 -18.47
C TYR B 137 5.13 5.39 -19.74
C TYR B 137 5.16 5.39 -19.75
N VAL B 138 5.87 4.29 -20.02
CA VAL B 138 5.61 3.39 -21.23
C VAL B 138 5.61 2.01 -20.61
N ARG B 139 4.94 1.05 -21.23
CA ARG B 139 4.95 -0.32 -20.69
C ARG B 139 6.36 -0.91 -20.73
N GLU B 140 6.71 -1.62 -19.66
CA GLU B 140 8.03 -2.17 -19.43
C GLU B 140 7.97 -3.68 -19.65
O1 YWZ C . 1.70 -6.58 11.86
O1 YWZ C . 4.60 -6.67 12.22
O2 YWZ C . 3.15 -8.49 11.50
O2 YWZ C . 2.47 -5.69 11.68
O3 YWZ C . 4.09 -6.21 11.11
O3 YWZ C . 3.00 -7.90 10.70
O4 YWZ C . 8.51 -9.76 3.01
O4 YWZ C . 9.20 -9.05 3.09
O5 YWZ C . 9.94 -10.13 0.37
O5 YWZ C . 11.92 -7.58 1.25
C6 YWZ C . 4.76 -6.72 9.95
C6 YWZ C . 3.94 -8.02 9.64
C7 YWZ C . 5.68 -5.93 9.28
C7 YWZ C . 3.76 -9.04 8.72
C8 YWZ C . 6.31 -6.43 8.15
C8 YWZ C . 4.65 -9.19 7.68
C9 YWZ C . 6.05 -7.71 7.69
C9 YWZ C . 5.73 -8.32 7.51
C10 YWZ C . 6.72 -8.24 6.46
C10 YWZ C . 6.66 -8.50 6.37
C11 YWZ C . 7.94 -7.74 6.01
C11 YWZ C . 7.79 -7.69 6.18
C12 YWZ C . 8.55 -8.24 4.87
C12 YWZ C . 8.63 -7.87 5.11
C13 YWZ C . 7.93 -9.26 4.16
C13 YWZ C . 8.37 -8.87 4.18
C14 YWZ C . 9.76 -9.21 2.58
C14 YWZ C . 10.32 -8.18 2.94
C15 YWZ C . 10.43 -10.20 1.68
C15 YWZ C . 11.11 -8.63 1.75
C16 YWZ C . 8.95 -9.13 0.21
C16 YWZ C . 11.78 -6.40 1.99
C25 YWZ C . 6.72 -9.77 4.58
C25 YWZ C . 7.26 -9.68 4.33
C26 YWZ C . 6.14 -9.27 5.72
C26 YWZ C . 6.42 -9.49 5.41
C27 YWZ C . 5.12 -8.49 8.38
C27 YWZ C . 5.89 -7.29 8.45
C28 YWZ C . 4.48 -8.00 9.51
C28 YWZ C . 5.01 -7.13 9.50
S YWZ C . 3.00 -7.16 11.91
S YWZ C . 3.21 -6.83 11.93
O1 YWZ D . 4.46 7.08 -11.30
O1 YWZ D . 7.70 7.85 -11.13
O2 YWZ D . 5.85 9.00 -10.72
O2 YWZ D . 6.36 5.89 -10.98
O3 YWZ D . 6.49 6.74 -9.85
O3 YWZ D . 5.63 7.91 -9.77
O4 YWZ D . 10.45 11.28 -2.04
O4 YWZ D . 10.33 11.08 -1.68
O5 YWZ D . 9.66 12.04 1.18
O5 YWZ D . 10.68 11.52 0.71
C6 YWZ D . 7.07 7.42 -8.74
C6 YWZ D . 6.35 8.36 -8.62
C7 YWZ D . 8.25 6.93 -8.20
C7 YWZ D . 7.68 8.03 -8.45
C8 YWZ D . 8.80 7.58 -7.11
C8 YWZ D . 8.35 8.47 -7.32
C9 YWZ D . 8.20 8.70 -6.54
C9 YWZ D . 7.71 9.24 -6.35
C10 YWZ D . 8.80 9.38 -5.37
C10 YWZ D . 8.42 9.72 -5.14
C11 YWZ D . 10.15 9.25 -5.05
C11 YWZ D . 7.93 10.79 -4.41
C12 YWZ D . 10.71 9.88 -3.96
C12 YWZ D . 8.56 11.25 -3.27
C13 YWZ D . 9.91 10.66 -3.13
C13 YWZ D . 9.70 10.63 -2.82
C14 YWZ D . 9.60 12.09 -1.22
C14 YWZ D . 11.52 10.41 -1.25
C15 YWZ D . 10.34 12.47 0.02
C15 YWZ D . 11.72 10.72 0.21
C16 YWZ D . 10.35 12.39 2.36
C16 YWZ D . 10.85 11.84 2.08
C25 YWZ D . 8.57 10.81 -3.42
C25 YWZ D . 10.22 9.55 -3.52
C26 YWZ D . 8.02 10.18 -4.53
C26 YWZ D . 9.59 9.10 -4.67
C27 YWZ D . 7.02 9.16 -7.12
C27 YWZ D . 6.37 9.56 -6.56
C28 YWZ D . 6.45 8.53 -8.21
C28 YWZ D . 5.69 9.13 -7.68
S YWZ D . 5.76 7.63 -11.02
S YWZ D . 6.44 7.27 -11.03
C1 GOL E . 0.67 10.28 -3.88
O1 GOL E . -0.19 10.96 -2.95
C2 GOL E . 0.17 10.61 -5.28
O2 GOL E . 0.21 12.04 -5.44
C3 GOL E . 0.96 9.89 -6.38
O3 GOL E . 0.81 8.47 -6.31
#